data_2EHW
#
_entry.id   2EHW
#
_cell.length_a   58.450
_cell.length_b   132.460
_cell.length_c   117.770
_cell.angle_alpha   90.000
_cell.angle_beta   90.000
_cell.angle_gamma   90.000
#
_symmetry.space_group_name_H-M   'C 2 2 21'
#
loop_
_entity.id
_entity.type
_entity.pdbx_description
1 polymer 'Hypothetical protein TTHB059'
2 water water
#
_entity_poly.entity_id   1
_entity_poly.type   'polypeptide(L)'
_entity_poly.pdbx_seq_one_letter_code
;(MSE)ACHELSALRIAIGELLEKEAHDLLHEREELAPVLGQRPELKRLAEAKTLPALEEALREALLHLEERAAQEPEEPY
WRGLLLAVEA(MSE)EGRLKALRAEAEALYQDLDALHGRLHRLFPRRR
;
_entity_poly.pdbx_strand_id   A,B,C,D
#
# COMPACT_ATOMS: atom_id res chain seq x y z
N CYS A 3 -9.18 -30.32 2.07
CA CYS A 3 -8.82 -29.23 3.02
C CYS A 3 -7.45 -29.52 3.63
N HIS A 4 -6.67 -30.34 2.94
CA HIS A 4 -5.34 -30.70 3.40
C HIS A 4 -4.48 -29.47 3.65
N GLU A 5 -4.76 -28.42 2.89
CA GLU A 5 -4.02 -27.16 3.03
C GLU A 5 -4.36 -26.49 4.36
N LEU A 6 -5.64 -26.52 4.71
CA LEU A 6 -6.08 -25.91 5.96
C LEU A 6 -5.54 -26.68 7.16
N SER A 7 -5.55 -28.01 7.08
CA SER A 7 -5.03 -28.84 8.16
C SER A 7 -3.55 -28.55 8.40
N ALA A 8 -2.74 -28.75 7.36
CA ALA A 8 -1.30 -28.53 7.45
C ALA A 8 -1.01 -27.17 8.06
N LEU A 9 -1.76 -26.17 7.62
CA LEU A 9 -1.58 -24.82 8.12
C LEU A 9 -1.99 -24.75 9.59
N ARG A 10 -3.06 -25.45 9.96
CA ARG A 10 -3.47 -25.40 11.35
C ARG A 10 -2.40 -26.06 12.22
N ILE A 11 -1.75 -27.09 11.70
CA ILE A 11 -0.71 -27.77 12.44
C ILE A 11 0.45 -26.84 12.75
N ALA A 12 0.95 -26.15 11.73
CA ALA A 12 2.09 -25.25 11.93
C ALA A 12 1.76 -24.15 12.95
N ILE A 13 0.56 -23.57 12.84
CA ILE A 13 0.19 -22.53 13.77
C ILE A 13 0.06 -23.12 15.16
N GLY A 14 -0.37 -24.39 15.22
CA GLY A 14 -0.52 -25.07 16.49
C GLY A 14 0.83 -25.28 17.16
N GLU A 15 1.81 -25.74 16.40
CA GLU A 15 3.14 -25.97 16.92
C GLU A 15 3.69 -24.64 17.46
N LEU A 16 3.44 -23.57 16.71
CA LEU A 16 3.89 -22.23 17.11
C LEU A 16 3.22 -21.79 18.42
N LEU A 17 2.05 -22.35 18.70
CA LEU A 17 1.28 -22.04 19.90
C LEU A 17 1.42 -23.18 20.90
N GLU A 18 2.30 -24.12 20.59
CA GLU A 18 2.54 -25.27 21.45
C GLU A 18 1.26 -25.99 21.88
N LYS A 19 0.39 -26.32 20.93
CA LYS A 19 -0.83 -27.03 21.28
C LYS A 19 -0.47 -28.45 21.74
N GLU A 20 -1.29 -29.02 22.60
CA GLU A 20 -1.06 -30.38 23.07
C GLU A 20 -1.25 -31.25 21.81
N ALA A 21 -0.37 -32.24 21.64
CA ALA A 21 -0.42 -33.11 20.47
C ALA A 21 -1.79 -33.66 20.07
N HIS A 22 -2.57 -34.10 21.05
CA HIS A 22 -3.89 -34.64 20.75
C HIS A 22 -4.80 -33.63 20.07
N ASP A 23 -4.58 -32.35 20.33
CA ASP A 23 -5.40 -31.30 19.70
C ASP A 23 -5.27 -31.28 18.17
N LEU A 24 -4.13 -31.77 17.66
CA LEU A 24 -3.90 -31.78 16.22
C LEU A 24 -3.97 -33.19 15.63
N LEU A 25 -4.51 -34.12 16.42
CA LEU A 25 -4.61 -35.52 16.00
C LEU A 25 -5.24 -35.77 14.63
N HIS A 26 -6.51 -35.41 14.48
CA HIS A 26 -7.19 -35.67 13.22
C HIS A 26 -6.65 -34.92 12.02
N GLU A 27 -5.94 -33.82 12.27
CA GLU A 27 -5.38 -33.08 11.17
C GLU A 27 -4.14 -33.80 10.66
N ARG A 28 -3.41 -34.44 11.56
CA ARG A 28 -2.20 -35.17 11.15
C ARG A 28 -2.60 -36.48 10.48
N GLU A 29 -3.77 -37.01 10.83
CA GLU A 29 -4.23 -38.26 10.26
C GLU A 29 -4.71 -38.09 8.81
N GLU A 30 -5.45 -37.01 8.57
CA GLU A 30 -5.96 -36.73 7.23
C GLU A 30 -4.81 -36.45 6.26
N LEU A 31 -3.81 -35.74 6.76
CA LEU A 31 -2.66 -35.35 5.97
C LEU A 31 -1.65 -36.46 5.69
N ALA A 32 -1.39 -37.27 6.70
CA ALA A 32 -0.43 -38.37 6.61
C ALA A 32 -0.37 -39.13 5.29
N PRO A 33 -1.52 -39.60 4.78
CA PRO A 33 -1.54 -40.35 3.52
C PRO A 33 -1.20 -39.61 2.24
N VAL A 34 -1.44 -38.29 2.20
CA VAL A 34 -1.16 -37.54 0.99
C VAL A 34 0.19 -36.83 0.96
N LEU A 35 0.91 -36.84 2.08
CA LEU A 35 2.21 -36.17 2.16
C LEU A 35 3.22 -36.76 1.18
N GLY A 36 3.03 -38.01 0.82
CA GLY A 36 3.92 -38.66 -0.12
C GLY A 36 3.84 -37.95 -1.47
N GLN A 37 2.64 -37.84 -2.00
CA GLN A 37 2.42 -37.19 -3.29
C GLN A 37 2.54 -35.68 -3.20
N ARG A 38 2.50 -35.14 -1.97
CA ARG A 38 2.61 -33.69 -1.80
C ARG A 38 3.60 -33.24 -0.71
N PRO A 39 4.87 -33.02 -1.10
CA PRO A 39 5.96 -32.60 -0.21
C PRO A 39 5.74 -31.22 0.42
N GLU A 40 5.06 -30.35 -0.31
CA GLU A 40 4.83 -29.00 0.20
C GLU A 40 3.97 -29.03 1.45
N LEU A 41 3.02 -29.97 1.52
CA LEU A 41 2.16 -30.08 2.67
C LEU A 41 3.00 -30.43 3.89
N LYS A 42 3.99 -31.30 3.68
CA LYS A 42 4.87 -31.69 4.77
C LYS A 42 5.70 -30.49 5.21
N ARG A 43 6.24 -29.76 4.24
CA ARG A 43 7.04 -28.57 4.56
C ARG A 43 6.19 -27.54 5.29
N LEU A 44 4.92 -27.43 4.89
CA LEU A 44 3.99 -26.49 5.50
C LEU A 44 3.70 -26.84 6.97
N ALA A 45 3.31 -28.08 7.23
CA ALA A 45 3.01 -28.51 8.58
C ALA A 45 4.18 -28.38 9.55
N GLU A 46 5.40 -28.49 9.05
CA GLU A 46 6.57 -28.42 9.92
C GLU A 46 7.36 -27.11 9.89
N ALA A 47 6.87 -26.14 9.12
CA ALA A 47 7.57 -24.86 9.06
C ALA A 47 7.69 -24.33 10.49
N LYS A 48 8.85 -23.75 10.81
CA LYS A 48 9.11 -23.22 12.14
C LYS A 48 9.18 -21.70 12.17
N THR A 49 9.33 -21.08 11.00
CA THR A 49 9.41 -19.62 10.92
C THR A 49 8.29 -19.11 10.03
N LEU A 50 7.88 -17.87 10.22
CA LEU A 50 6.80 -17.31 9.43
C LEU A 50 7.15 -17.32 7.94
N PRO A 51 8.34 -16.84 7.58
CA PRO A 51 8.70 -16.84 6.16
C PRO A 51 8.56 -18.22 5.53
N ALA A 52 9.11 -19.23 6.19
CA ALA A 52 9.03 -20.60 5.69
C ALA A 52 7.58 -21.03 5.64
N LEU A 53 6.77 -20.52 6.55
CA LEU A 53 5.36 -20.89 6.57
C LEU A 53 4.69 -20.33 5.31
N GLU A 54 4.88 -19.04 5.05
CA GLU A 54 4.29 -18.42 3.87
C GLU A 54 4.80 -19.08 2.59
N GLU A 55 6.10 -19.37 2.54
CA GLU A 55 6.65 -20.00 1.34
C GLU A 55 5.97 -21.34 1.07
N ALA A 56 5.90 -22.21 2.08
CA ALA A 56 5.26 -23.50 1.88
C ALA A 56 3.79 -23.34 1.48
N LEU A 57 3.14 -22.30 2.02
CA LEU A 57 1.73 -22.07 1.70
C LEU A 57 1.57 -21.68 0.23
N ARG A 58 2.49 -20.84 -0.27
CA ARG A 58 2.44 -20.42 -1.66
C ARG A 58 2.57 -21.64 -2.57
N GLU A 59 3.41 -22.58 -2.16
CA GLU A 59 3.60 -23.81 -2.92
C GLU A 59 2.27 -24.56 -2.98
N ALA A 60 1.61 -24.68 -1.83
CA ALA A 60 0.34 -25.39 -1.76
C ALA A 60 -0.74 -24.71 -2.61
N LEU A 61 -0.69 -23.39 -2.70
CA LEU A 61 -1.68 -22.67 -3.50
C LEU A 61 -1.49 -22.97 -4.98
N LEU A 62 -0.24 -23.21 -5.40
CA LEU A 62 0.01 -23.54 -6.79
C LEU A 62 -0.71 -24.85 -7.11
N HIS A 63 -0.48 -25.86 -6.26
CA HIS A 63 -1.11 -27.16 -6.47
C HIS A 63 -2.62 -27.04 -6.52
N LEU A 64 -3.17 -26.32 -5.56
CA LEU A 64 -4.61 -26.12 -5.48
C LEU A 64 -5.10 -25.38 -6.73
N GLU A 65 -4.34 -24.40 -7.17
CA GLU A 65 -4.71 -23.64 -8.36
C GLU A 65 -4.80 -24.62 -9.53
N GLU A 66 -3.79 -25.49 -9.66
CA GLU A 66 -3.77 -26.48 -10.73
C GLU A 66 -4.98 -27.40 -10.65
N ARG A 67 -5.22 -27.96 -9.46
CA ARG A 67 -6.36 -28.85 -9.28
C ARG A 67 -7.65 -28.19 -9.74
N ALA A 68 -7.86 -26.95 -9.32
CA ALA A 68 -9.06 -26.20 -9.68
C ALA A 68 -9.20 -25.94 -11.17
N ALA A 69 -8.08 -25.84 -11.88
CA ALA A 69 -8.12 -25.61 -13.31
C ALA A 69 -8.40 -26.93 -14.04
N GLN A 70 -8.03 -28.03 -13.42
CA GLN A 70 -8.21 -29.36 -14.00
C GLN A 70 -9.64 -29.88 -13.86
N GLU A 71 -10.36 -29.42 -12.83
CA GLU A 71 -11.73 -29.88 -12.58
C GLU A 71 -12.69 -28.69 -12.38
N PRO A 72 -12.84 -27.84 -13.41
CA PRO A 72 -13.68 -26.63 -13.45
C PRO A 72 -15.15 -26.82 -13.06
N GLU A 73 -15.61 -28.06 -13.06
CA GLU A 73 -16.99 -28.35 -12.71
C GLU A 73 -17.23 -28.41 -11.21
N GLU A 74 -16.19 -28.77 -10.47
CA GLU A 74 -16.30 -28.85 -9.02
C GLU A 74 -15.92 -27.52 -8.40
N PRO A 75 -16.92 -26.75 -7.96
CA PRO A 75 -16.68 -25.45 -7.34
C PRO A 75 -16.01 -25.52 -5.97
N TYR A 76 -15.90 -26.73 -5.43
CA TYR A 76 -15.28 -26.94 -4.14
C TYR A 76 -13.82 -26.46 -4.17
N TRP A 77 -13.10 -26.82 -5.22
CA TRP A 77 -11.70 -26.43 -5.35
C TRP A 77 -11.56 -24.92 -5.37
N ARG A 78 -12.49 -24.25 -6.05
CA ARG A 78 -12.45 -22.81 -6.16
C ARG A 78 -12.85 -22.19 -4.82
N GLY A 79 -13.61 -22.94 -4.04
CA GLY A 79 -13.99 -22.47 -2.73
C GLY A 79 -12.82 -22.67 -1.78
N LEU A 80 -12.05 -23.73 -2.00
CA LEU A 80 -10.88 -24.00 -1.15
C LEU A 80 -9.82 -22.92 -1.44
N LEU A 81 -9.67 -22.58 -2.72
CA LEU A 81 -8.69 -21.57 -3.11
C LEU A 81 -8.96 -20.24 -2.41
N LEU A 82 -10.20 -19.78 -2.47
CA LEU A 82 -10.62 -18.53 -1.85
C LEU A 82 -10.37 -18.57 -0.35
N ALA A 83 -10.62 -19.73 0.27
CA ALA A 83 -10.42 -19.91 1.70
C ALA A 83 -8.93 -19.93 2.08
N VAL A 84 -8.11 -20.62 1.30
CA VAL A 84 -6.70 -20.67 1.62
C VAL A 84 -6.07 -19.29 1.44
N GLU A 85 -6.50 -18.58 0.42
CA GLU A 85 -6.00 -17.24 0.13
C GLU A 85 -6.39 -16.22 1.19
N ALA A 86 -7.58 -16.37 1.76
CA ALA A 86 -8.04 -15.47 2.80
C ALA A 86 -7.11 -15.65 3.99
N GLU A 88 -4.07 -16.84 3.87
CA GLU A 88 -2.74 -16.40 3.54
C GLU A 88 -2.70 -14.93 3.92
N GLY A 89 -3.76 -14.22 3.58
CA GLY A 89 -3.82 -12.80 3.92
C GLY A 89 -3.66 -12.60 5.41
N ARG A 90 -4.29 -13.45 6.21
CA ARG A 90 -4.17 -13.29 7.65
C ARG A 90 -2.79 -13.67 8.14
N LEU A 91 -2.17 -14.64 7.48
CA LEU A 91 -0.83 -15.06 7.86
C LEU A 91 0.15 -13.90 7.58
N LYS A 92 -0.02 -13.24 6.45
CA LYS A 92 0.86 -12.12 6.11
C LYS A 92 0.67 -11.01 7.14
N ALA A 93 -0.57 -10.84 7.59
CA ALA A 93 -0.90 -9.84 8.59
C ALA A 93 -0.18 -10.16 9.90
N LEU A 94 -0.18 -11.43 10.27
CA LEU A 94 0.49 -11.84 11.50
C LEU A 94 1.99 -11.53 11.40
N ARG A 95 2.57 -11.81 10.23
CA ARG A 95 3.99 -11.55 10.03
C ARG A 95 4.32 -10.07 10.08
N ALA A 96 3.47 -9.24 9.48
CA ALA A 96 3.70 -7.79 9.48
C ALA A 96 3.70 -7.28 10.92
N GLU A 97 2.87 -7.91 11.75
CA GLU A 97 2.77 -7.53 13.16
C GLU A 97 4.04 -7.89 13.90
N ALA A 98 4.56 -9.09 13.65
CA ALA A 98 5.80 -9.54 14.29
C ALA A 98 6.90 -8.58 13.84
N GLU A 99 6.91 -8.32 12.54
CA GLU A 99 7.89 -7.42 11.92
C GLU A 99 7.83 -6.04 12.59
N ALA A 100 6.65 -5.48 12.72
CA ALA A 100 6.49 -4.18 13.36
C ALA A 100 7.08 -4.22 14.77
N LEU A 101 6.79 -5.30 15.49
CA LEU A 101 7.28 -5.48 16.85
C LEU A 101 8.78 -5.48 16.83
N TYR A 102 9.33 -6.22 15.88
CA TYR A 102 10.78 -6.33 15.69
C TYR A 102 11.42 -4.94 15.55
N GLN A 103 10.94 -4.16 14.58
CA GLN A 103 11.49 -2.83 14.35
C GLN A 103 11.33 -1.93 15.57
N ASP A 104 10.15 -1.92 16.17
CA ASP A 104 9.88 -1.08 17.32
C ASP A 104 10.78 -1.40 18.51
N LEU A 105 11.30 -2.62 18.56
CA LEU A 105 12.18 -3.00 19.67
C LEU A 105 13.43 -2.13 19.57
N ASP A 106 13.88 -1.93 18.33
CA ASP A 106 15.07 -1.14 18.04
C ASP A 106 14.95 0.34 18.39
N ALA A 107 13.89 1.00 17.94
CA ALA A 107 13.70 2.42 18.22
C ALA A 107 13.61 2.66 19.73
N LEU A 108 12.79 1.86 20.40
CA LEU A 108 12.59 1.95 21.83
C LEU A 108 13.94 1.97 22.57
N HIS A 109 14.83 1.06 22.18
CA HIS A 109 16.16 0.98 22.76
C HIS A 109 16.85 2.33 22.61
N GLY A 110 16.76 2.90 21.42
CA GLY A 110 17.37 4.19 21.17
C GLY A 110 16.70 5.26 22.00
N ARG A 111 15.40 5.12 22.20
CA ARG A 111 14.62 6.09 22.96
C ARG A 111 15.03 6.10 24.43
N LEU A 112 15.26 4.92 25.00
CA LEU A 112 15.65 4.80 26.40
C LEU A 112 16.97 5.50 26.64
N HIS A 113 17.87 5.34 25.66
CA HIS A 113 19.18 5.94 25.73
C HIS A 113 19.09 7.45 25.88
N ARG A 114 18.29 8.08 25.03
CA ARG A 114 18.13 9.54 25.07
C ARG A 114 17.44 10.08 26.31
N LEU A 115 16.44 9.38 26.81
CA LEU A 115 15.72 9.83 28.00
C LEU A 115 16.51 9.55 29.28
N PHE A 116 17.60 8.79 29.15
CA PHE A 116 18.41 8.47 30.31
C PHE A 116 19.91 8.50 29.98
N PRO A 117 20.42 9.67 29.55
CA PRO A 117 21.83 9.84 29.19
C PRO A 117 22.80 9.40 30.29
N CYS B 3 -1.34 11.96 33.97
CA CYS B 3 -1.40 11.10 32.75
C CYS B 3 -2.69 11.33 31.99
N HIS B 4 -2.93 12.58 31.61
CA HIS B 4 -4.13 12.95 30.88
C HIS B 4 -4.09 12.45 29.43
N GLU B 5 -2.89 12.16 28.94
CA GLU B 5 -2.75 11.69 27.56
C GLU B 5 -3.29 10.27 27.40
N LEU B 6 -3.14 9.45 28.44
CA LEU B 6 -3.64 8.08 28.39
C LEU B 6 -5.16 8.11 28.53
N SER B 7 -5.66 9.05 29.32
CA SER B 7 -7.10 9.17 29.53
C SER B 7 -7.79 9.59 28.25
N ALA B 8 -7.19 10.53 27.54
CA ALA B 8 -7.77 11.02 26.31
C ALA B 8 -7.70 9.95 25.22
N LEU B 9 -6.62 9.19 25.19
CA LEU B 9 -6.48 8.15 24.17
C LEU B 9 -7.45 7.00 24.49
N ARG B 10 -7.72 6.78 25.76
CA ARG B 10 -8.62 5.71 26.15
C ARG B 10 -10.04 6.09 25.73
N ILE B 11 -10.38 7.38 25.83
CA ILE B 11 -11.70 7.82 25.43
C ILE B 11 -11.89 7.74 23.91
N ALA B 12 -10.84 8.05 23.16
CA ALA B 12 -10.95 7.99 21.70
C ALA B 12 -11.21 6.55 21.26
N ILE B 13 -10.38 5.63 21.74
CA ILE B 13 -10.51 4.21 21.41
C ILE B 13 -11.83 3.66 21.96
N GLY B 14 -12.24 4.18 23.12
CA GLY B 14 -13.48 3.74 23.71
C GLY B 14 -14.67 4.02 22.81
N GLU B 15 -14.63 5.17 22.13
CA GLU B 15 -15.69 5.56 21.21
C GLU B 15 -15.66 4.66 19.98
N LEU B 16 -14.46 4.25 19.59
CA LEU B 16 -14.31 3.38 18.44
C LEU B 16 -14.92 2.01 18.75
N LEU B 17 -14.91 1.65 20.02
CA LEU B 17 -15.44 0.36 20.46
C LEU B 17 -16.85 0.51 21.03
N GLU B 18 -17.43 1.69 20.84
CA GLU B 18 -18.76 1.98 21.35
C GLU B 18 -18.95 1.63 22.81
N LYS B 19 -18.03 2.05 23.67
CA LYS B 19 -18.13 1.77 25.10
C LYS B 19 -19.20 2.71 25.65
N GLU B 20 -19.86 2.30 26.73
CA GLU B 20 -20.91 3.14 27.29
C GLU B 20 -20.32 4.27 28.11
N ALA B 21 -21.15 5.27 28.38
CA ALA B 21 -20.72 6.43 29.14
C ALA B 21 -20.06 6.04 30.45
N HIS B 22 -20.66 5.07 31.14
CA HIS B 22 -20.14 4.63 32.42
C HIS B 22 -18.71 4.08 32.39
N ASP B 23 -18.35 3.41 31.29
CA ASP B 23 -17.01 2.85 31.16
C ASP B 23 -15.93 3.91 31.14
N LEU B 24 -16.25 5.07 30.58
CA LEU B 24 -15.29 6.16 30.46
C LEU B 24 -15.53 7.25 31.50
N LEU B 25 -16.46 6.98 32.41
CA LEU B 25 -16.80 7.93 33.46
C LEU B 25 -15.58 8.61 34.06
N HIS B 26 -14.71 7.84 34.70
CA HIS B 26 -13.50 8.37 35.35
C HIS B 26 -12.66 9.24 34.41
N GLU B 27 -12.21 8.66 33.30
CA GLU B 27 -11.37 9.37 32.34
C GLU B 27 -11.89 10.77 32.01
N ARG B 28 -13.18 10.86 31.72
CA ARG B 28 -13.77 12.14 31.38
C ARG B 28 -13.76 13.13 32.53
N GLU B 29 -14.01 12.65 33.75
CA GLU B 29 -14.00 13.52 34.91
C GLU B 29 -12.59 14.02 35.20
N GLU B 30 -11.62 13.11 35.14
CA GLU B 30 -10.24 13.47 35.42
C GLU B 30 -9.59 14.22 34.26
N LEU B 31 -10.38 14.52 33.22
CA LEU B 31 -9.86 15.23 32.06
C LEU B 31 -10.61 16.53 31.78
N ALA B 32 -11.82 16.65 32.33
CA ALA B 32 -12.65 17.83 32.13
C ALA B 32 -11.91 19.17 32.22
N PRO B 33 -11.31 19.48 33.39
CA PRO B 33 -10.59 20.75 33.55
C PRO B 33 -9.52 21.13 32.50
N VAL B 34 -8.36 20.47 32.58
CA VAL B 34 -7.24 20.76 31.69
C VAL B 34 -7.52 20.81 30.18
N LEU B 35 -8.79 20.64 29.79
CA LEU B 35 -9.13 20.70 28.39
C LEU B 35 -8.92 22.11 27.81
N GLY B 36 -9.16 23.12 28.65
CA GLY B 36 -8.98 24.50 28.21
C GLY B 36 -7.54 24.81 27.83
N GLN B 37 -6.63 24.68 28.79
CA GLN B 37 -5.23 24.98 28.51
C GLN B 37 -4.62 24.00 27.51
N ARG B 38 -5.31 22.88 27.29
CA ARG B 38 -4.78 21.89 26.34
C ARG B 38 -5.78 21.42 25.28
N PRO B 39 -5.79 22.09 24.12
CA PRO B 39 -6.69 21.72 23.02
C PRO B 39 -6.23 20.42 22.36
N GLU B 40 -5.00 20.05 22.66
CA GLU B 40 -4.37 18.84 22.14
C GLU B 40 -5.15 17.61 22.62
N LEU B 41 -5.41 17.56 23.92
CA LEU B 41 -6.13 16.45 24.53
C LEU B 41 -7.59 16.44 24.13
N LYS B 42 -8.15 17.60 23.84
CA LYS B 42 -9.55 17.65 23.43
C LYS B 42 -9.69 17.00 22.06
N ARG B 43 -8.84 17.41 21.12
CA ARG B 43 -8.88 16.85 19.78
C ARG B 43 -8.63 15.34 19.83
N LEU B 44 -7.66 14.93 20.64
CA LEU B 44 -7.34 13.53 20.77
C LEU B 44 -8.57 12.75 21.20
N ALA B 45 -9.20 13.20 22.28
CA ALA B 45 -10.38 12.54 22.81
C ALA B 45 -11.54 12.50 21.82
N GLU B 46 -11.58 13.45 20.90
CA GLU B 46 -12.67 13.53 19.94
C GLU B 46 -12.37 13.00 18.54
N ALA B 47 -11.13 12.57 18.30
CA ALA B 47 -10.75 12.06 16.99
C ALA B 47 -11.65 10.85 16.68
N LYS B 48 -12.29 10.87 15.52
CA LYS B 48 -13.16 9.77 15.12
C LYS B 48 -12.55 8.80 14.11
N THR B 49 -11.45 9.20 13.48
CA THR B 49 -10.79 8.36 12.48
C THR B 49 -9.37 7.98 12.90
N LEU B 50 -8.85 6.90 12.33
CA LEU B 50 -7.51 6.47 12.71
C LEU B 50 -6.42 7.53 12.46
N PRO B 51 -6.41 8.16 11.27
CA PRO B 51 -5.39 9.19 10.98
C PRO B 51 -5.49 10.43 11.88
N ALA B 52 -6.70 10.86 12.19
CA ALA B 52 -6.87 12.02 13.06
C ALA B 52 -6.40 11.65 14.47
N LEU B 53 -6.62 10.40 14.86
CA LEU B 53 -6.22 9.94 16.17
C LEU B 53 -4.69 9.94 16.27
N GLU B 54 -4.03 9.59 15.18
CA GLU B 54 -2.56 9.56 15.19
C GLU B 54 -1.98 10.96 15.25
N GLU B 55 -2.57 11.88 14.51
CA GLU B 55 -2.05 13.25 14.48
C GLU B 55 -2.26 13.93 15.82
N ALA B 56 -3.41 13.67 16.43
CA ALA B 56 -3.72 14.26 17.73
C ALA B 56 -2.78 13.68 18.79
N LEU B 57 -2.62 12.36 18.78
CA LEU B 57 -1.73 11.72 19.76
C LEU B 57 -0.30 12.21 19.58
N ARG B 58 0.12 12.35 18.32
CA ARG B 58 1.47 12.81 18.03
C ARG B 58 1.67 14.21 18.59
N GLU B 59 0.68 15.07 18.43
CA GLU B 59 0.77 16.44 18.93
C GLU B 59 0.85 16.48 20.45
N ALA B 60 0.18 15.54 21.11
CA ALA B 60 0.22 15.50 22.57
C ALA B 60 1.61 15.12 23.02
N LEU B 61 2.22 14.19 22.29
CA LEU B 61 3.54 13.73 22.63
C LEU B 61 4.58 14.84 22.59
N LEU B 62 4.43 15.77 21.66
CA LEU B 62 5.37 16.87 21.55
C LEU B 62 5.25 17.79 22.76
N HIS B 63 4.07 17.89 23.34
CA HIS B 63 3.85 18.72 24.53
C HIS B 63 4.53 18.04 25.71
N LEU B 64 4.36 16.72 25.78
CA LEU B 64 4.92 15.91 26.85
C LEU B 64 6.45 15.86 26.79
N GLU B 65 6.99 15.83 25.58
CA GLU B 65 8.43 15.79 25.43
C GLU B 65 9.04 17.12 25.88
N GLU B 66 8.37 18.22 25.54
CA GLU B 66 8.85 19.54 25.93
C GLU B 66 8.87 19.63 27.44
N ARG B 67 7.78 19.16 28.05
CA ARG B 67 7.65 19.17 29.50
C ARG B 67 8.75 18.36 30.19
N ALA B 68 9.20 17.28 29.54
CA ALA B 68 10.24 16.45 30.11
C ALA B 68 11.61 17.12 29.95
N ALA B 69 11.75 17.95 28.92
CA ALA B 69 13.01 18.64 28.69
C ALA B 69 13.14 19.82 29.64
N GLN B 70 12.00 20.30 30.11
CA GLN B 70 11.94 21.42 31.03
C GLN B 70 12.26 21.01 32.47
N GLU B 71 11.69 19.88 32.89
CA GLU B 71 11.89 19.39 34.25
C GLU B 71 12.62 18.05 34.30
N PRO B 72 13.94 18.06 34.10
CA PRO B 72 14.77 16.84 34.11
C PRO B 72 14.80 16.16 35.47
N GLU B 73 14.62 16.94 36.54
CA GLU B 73 14.65 16.41 37.91
C GLU B 73 13.50 15.46 38.20
N GLU B 74 12.48 15.47 37.34
CA GLU B 74 11.32 14.60 37.52
C GLU B 74 11.27 13.47 36.49
N PRO B 75 11.78 12.28 36.85
CA PRO B 75 11.80 11.13 35.96
C PRO B 75 10.41 10.65 35.51
N TYR B 76 9.37 11.15 36.14
CA TYR B 76 8.00 10.76 35.79
C TYR B 76 7.64 11.13 34.35
N TRP B 77 8.11 12.30 33.92
CA TRP B 77 7.83 12.78 32.57
C TRP B 77 8.36 11.82 31.52
N ARG B 78 9.58 11.34 31.74
CA ARG B 78 10.19 10.43 30.80
C ARG B 78 9.51 9.06 30.82
N GLY B 79 8.99 8.67 31.99
CA GLY B 79 8.29 7.40 32.08
C GLY B 79 7.01 7.48 31.25
N LEU B 80 6.20 8.50 31.52
CA LEU B 80 4.95 8.70 30.81
C LEU B 80 5.20 8.86 29.31
N LEU B 81 6.16 9.70 28.97
CA LEU B 81 6.52 9.94 27.57
C LEU B 81 6.80 8.61 26.89
N LEU B 82 7.59 7.77 27.56
CA LEU B 82 7.95 6.47 27.04
C LEU B 82 6.72 5.61 26.82
N ALA B 83 5.83 5.60 27.81
CA ALA B 83 4.60 4.81 27.75
C ALA B 83 3.62 5.24 26.64
N VAL B 84 3.45 6.54 26.43
CA VAL B 84 2.55 7.00 25.40
C VAL B 84 3.15 6.68 24.03
N GLU B 85 4.47 6.78 23.92
CA GLU B 85 5.16 6.47 22.68
C GLU B 85 4.96 5.02 22.32
N ALA B 86 5.07 4.15 23.32
CA ALA B 86 4.87 2.73 23.10
C ALA B 86 3.45 2.51 22.60
N GLU B 88 1.72 4.64 21.08
CA GLU B 88 1.64 5.28 19.77
C GLU B 88 2.04 4.22 18.75
N GLY B 89 3.02 3.40 19.14
CA GLY B 89 3.48 2.35 18.27
C GLY B 89 2.35 1.36 18.06
N ARG B 90 1.56 1.11 19.10
CA ARG B 90 0.47 0.16 18.95
C ARG B 90 -0.66 0.74 18.11
N LEU B 91 -0.84 2.05 18.17
CA LEU B 91 -1.90 2.67 17.36
C LEU B 91 -1.52 2.51 15.89
N LYS B 92 -0.25 2.79 15.56
CA LYS B 92 0.26 2.63 14.20
C LYS B 92 0.02 1.20 13.73
N ALA B 93 0.34 0.24 14.59
CA ALA B 93 0.16 -1.16 14.26
C ALA B 93 -1.30 -1.43 13.88
N LEU B 94 -2.21 -0.88 14.68
CA LEU B 94 -3.64 -1.04 14.46
C LEU B 94 -4.10 -0.42 13.13
N ARG B 95 -3.59 0.77 12.81
CA ARG B 95 -3.97 1.40 11.56
C ARG B 95 -3.41 0.59 10.40
N ALA B 96 -2.19 0.10 10.56
CA ALA B 96 -1.55 -0.72 9.53
C ALA B 96 -2.41 -1.96 9.29
N GLU B 97 -2.97 -2.51 10.36
CA GLU B 97 -3.83 -3.68 10.27
C GLU B 97 -5.09 -3.33 9.48
N ALA B 98 -5.68 -2.18 9.77
CA ALA B 98 -6.89 -1.70 9.07
C ALA B 98 -6.55 -1.41 7.63
N GLU B 99 -5.35 -0.89 7.42
CA GLU B 99 -4.87 -0.56 6.08
C GLU B 99 -4.76 -1.85 5.26
N ALA B 100 -4.19 -2.90 5.85
CA ALA B 100 -4.06 -4.17 5.16
C ALA B 100 -5.42 -4.78 4.80
N LEU B 101 -6.35 -4.74 5.75
CA LEU B 101 -7.68 -5.28 5.54
C LEU B 101 -8.38 -4.57 4.38
N TYR B 102 -8.22 -3.25 4.33
CA TYR B 102 -8.81 -2.43 3.29
C TYR B 102 -8.28 -2.84 1.90
N GLN B 103 -6.99 -3.14 1.82
CA GLN B 103 -6.39 -3.54 0.54
C GLN B 103 -6.82 -4.95 0.13
N ASP B 104 -6.80 -5.89 1.07
CA ASP B 104 -7.17 -7.26 0.72
C ASP B 104 -8.65 -7.33 0.32
N LEU B 105 -9.49 -6.47 0.90
CA LEU B 105 -10.91 -6.44 0.55
C LEU B 105 -11.03 -6.29 -0.95
N ASP B 106 -10.24 -5.38 -1.52
CA ASP B 106 -10.24 -5.14 -2.95
C ASP B 106 -9.66 -6.33 -3.71
N ALA B 107 -8.52 -6.84 -3.26
CA ALA B 107 -7.92 -7.99 -3.94
C ALA B 107 -8.94 -9.13 -3.97
N LEU B 108 -9.59 -9.38 -2.82
CA LEU B 108 -10.59 -10.45 -2.71
C LEU B 108 -11.69 -10.26 -3.75
N HIS B 109 -12.01 -9.01 -4.03
CA HIS B 109 -13.03 -8.70 -5.03
C HIS B 109 -12.56 -9.26 -6.38
N GLY B 110 -11.25 -9.14 -6.63
CA GLY B 110 -10.69 -9.63 -7.88
C GLY B 110 -10.77 -11.14 -7.99
N ARG B 111 -10.28 -11.82 -6.96
CA ARG B 111 -10.28 -13.29 -6.91
C ARG B 111 -11.67 -13.86 -7.15
N LEU B 112 -12.61 -13.43 -6.31
CA LEU B 112 -13.98 -13.89 -6.38
C LEU B 112 -14.54 -13.86 -7.80
N HIS B 113 -14.31 -12.76 -8.52
CA HIS B 113 -14.83 -12.65 -9.87
C HIS B 113 -14.04 -13.43 -10.93
N ARG B 114 -12.88 -13.94 -10.55
CA ARG B 114 -12.08 -14.75 -11.48
C ARG B 114 -12.46 -16.21 -11.31
N LEU B 115 -12.73 -16.60 -10.07
CA LEU B 115 -13.09 -17.97 -9.73
C LEU B 115 -14.55 -18.31 -10.00
N PHE B 116 -15.46 -17.38 -9.66
CA PHE B 116 -16.88 -17.63 -9.88
C PHE B 116 -17.56 -16.59 -10.77
N PRO B 117 -17.10 -16.44 -12.02
CA PRO B 117 -17.71 -15.47 -12.95
C PRO B 117 -19.21 -15.67 -13.05
N ALA C 2 26.62 11.44 4.91
CA ALA C 2 26.39 10.90 3.57
C ALA C 2 24.93 10.51 3.42
N CYS C 3 24.54 10.22 2.18
CA CYS C 3 23.17 9.83 1.89
C CYS C 3 23.15 8.42 1.31
N HIS C 4 23.42 7.44 2.16
CA HIS C 4 23.44 6.06 1.73
C HIS C 4 22.08 5.63 1.18
N GLU C 5 21.01 6.16 1.74
CA GLU C 5 19.69 5.79 1.28
C GLU C 5 19.46 6.13 -0.18
N LEU C 6 19.90 7.31 -0.61
CA LEU C 6 19.73 7.69 -2.01
C LEU C 6 20.56 6.79 -2.93
N SER C 7 21.82 6.59 -2.55
CA SER C 7 22.73 5.76 -3.32
C SER C 7 22.17 4.34 -3.51
N ALA C 8 21.68 3.73 -2.42
CA ALA C 8 21.14 2.39 -2.50
C ALA C 8 19.91 2.35 -3.41
N LEU C 9 19.03 3.32 -3.25
CA LEU C 9 17.84 3.38 -4.07
C LEU C 9 18.21 3.60 -5.53
N ARG C 10 19.22 4.42 -5.79
CA ARG C 10 19.64 4.69 -7.16
C ARG C 10 20.20 3.44 -7.80
N ILE C 11 20.93 2.65 -7.02
CA ILE C 11 21.49 1.42 -7.53
C ILE C 11 20.40 0.45 -7.93
N ALA C 12 19.40 0.29 -7.05
CA ALA C 12 18.28 -0.61 -7.31
C ALA C 12 17.54 -0.21 -8.57
N ILE C 13 17.25 1.07 -8.71
CA ILE C 13 16.57 1.53 -9.89
C ILE C 13 17.49 1.38 -11.10
N GLY C 14 18.79 1.53 -10.89
CA GLY C 14 19.74 1.37 -11.97
C GLY C 14 19.70 -0.05 -12.53
N GLU C 15 19.67 -1.05 -11.64
CA GLU C 15 19.63 -2.44 -12.08
C GLU C 15 18.34 -2.76 -12.83
N LEU C 16 17.25 -2.10 -12.44
CA LEU C 16 15.98 -2.33 -13.10
C LEU C 16 16.07 -1.75 -14.51
N LEU C 17 16.87 -0.71 -14.64
CA LEU C 17 17.05 -0.06 -15.93
C LEU C 17 18.26 -0.64 -16.65
N GLU C 18 18.82 -1.70 -16.08
CA GLU C 18 19.98 -2.36 -16.67
C GLU C 18 21.17 -1.41 -16.89
N LYS C 19 21.34 -0.44 -15.99
CA LYS C 19 22.45 0.51 -16.09
C LYS C 19 23.77 -0.23 -15.87
N GLU C 20 24.80 0.17 -16.61
CA GLU C 20 26.11 -0.46 -16.50
C GLU C 20 26.79 -0.26 -15.16
N ALA C 21 27.56 -1.25 -14.74
CA ALA C 21 28.26 -1.20 -13.46
C ALA C 21 29.15 0.02 -13.27
N HIS C 22 29.70 0.56 -14.36
CA HIS C 22 30.56 1.72 -14.21
C HIS C 22 29.78 3.03 -13.99
N ASP C 23 28.50 3.04 -14.35
CA ASP C 23 27.68 4.22 -14.11
C ASP C 23 27.23 4.22 -12.65
N LEU C 24 27.36 3.08 -11.99
CA LEU C 24 26.95 2.94 -10.59
C LEU C 24 28.12 2.84 -9.62
N LEU C 25 29.33 2.91 -10.14
CA LEU C 25 30.54 2.81 -9.32
C LEU C 25 30.54 3.64 -8.04
N HIS C 26 30.37 4.95 -8.17
CA HIS C 26 30.38 5.84 -7.01
C HIS C 26 29.35 5.46 -5.94
N GLU C 27 28.13 5.13 -6.37
CA GLU C 27 27.10 4.75 -5.44
C GLU C 27 27.56 3.52 -4.68
N ARG C 28 28.13 2.57 -5.40
CA ARG C 28 28.61 1.34 -4.76
C ARG C 28 29.81 1.56 -3.85
N GLU C 29 30.69 2.49 -4.19
CA GLU C 29 31.85 2.74 -3.34
C GLU C 29 31.43 3.46 -2.06
N GLU C 30 30.44 4.34 -2.19
CA GLU C 30 29.96 5.11 -1.05
C GLU C 30 29.19 4.25 -0.02
N LEU C 31 28.63 3.13 -0.47
CA LEU C 31 27.86 2.23 0.40
C LEU C 31 28.64 1.10 1.06
N ALA C 32 29.67 0.64 0.37
CA ALA C 32 30.50 -0.46 0.85
C ALA C 32 30.84 -0.44 2.35
N PRO C 33 31.28 0.73 2.88
CA PRO C 33 31.62 0.82 4.30
C PRO C 33 30.48 0.69 5.31
N VAL C 34 29.26 1.03 4.88
CA VAL C 34 28.11 0.95 5.79
C VAL C 34 27.26 -0.31 5.65
N LEU C 35 27.50 -1.10 4.62
CA LEU C 35 26.70 -2.31 4.40
C LEU C 35 26.73 -3.35 5.52
N GLY C 36 27.89 -3.55 6.14
CA GLY C 36 27.96 -4.51 7.23
C GLY C 36 27.15 -4.02 8.41
N GLN C 37 27.20 -2.70 8.64
CA GLN C 37 26.48 -2.10 9.74
C GLN C 37 25.00 -1.95 9.42
N ARG C 38 24.67 -1.85 8.14
CA ARG C 38 23.29 -1.65 7.74
C ARG C 38 22.76 -2.61 6.68
N PRO C 39 22.38 -3.83 7.10
CA PRO C 39 21.85 -4.87 6.22
C PRO C 39 20.77 -4.35 5.27
N GLU C 40 19.83 -3.57 5.82
CA GLU C 40 18.72 -3.02 5.03
C GLU C 40 19.19 -2.26 3.80
N LEU C 41 20.27 -1.50 3.92
CA LEU C 41 20.79 -0.75 2.78
C LEU C 41 21.27 -1.70 1.68
N LYS C 42 21.79 -2.84 2.10
CA LYS C 42 22.28 -3.85 1.16
C LYS C 42 21.09 -4.51 0.47
N ARG C 43 19.99 -4.72 1.21
CA ARG C 43 18.80 -5.33 0.63
C ARG C 43 18.14 -4.36 -0.34
N LEU C 44 18.29 -3.06 -0.08
CA LEU C 44 17.71 -2.04 -0.96
C LEU C 44 18.44 -2.07 -2.29
N ALA C 45 19.73 -1.80 -2.24
CA ALA C 45 20.57 -1.77 -3.43
C ALA C 45 20.44 -3.05 -4.25
N GLU C 46 20.13 -4.16 -3.58
CA GLU C 46 20.02 -5.44 -4.26
C GLU C 46 18.59 -5.90 -4.56
N ALA C 47 17.60 -5.06 -4.23
CA ALA C 47 16.20 -5.40 -4.45
C ALA C 47 15.99 -5.63 -5.95
N LYS C 48 15.30 -6.72 -6.32
CA LYS C 48 15.06 -7.03 -7.72
C LYS C 48 13.62 -6.81 -8.21
N THR C 49 12.68 -6.70 -7.28
CA THR C 49 11.27 -6.46 -7.61
C THR C 49 10.78 -5.20 -6.91
N LEU C 50 9.76 -4.57 -7.44
CA LEU C 50 9.24 -3.35 -6.83
C LEU C 50 8.83 -3.53 -5.38
N PRO C 51 8.16 -4.65 -5.05
CA PRO C 51 7.75 -4.86 -3.65
C PRO C 51 8.94 -5.01 -2.71
N ALA C 52 9.95 -5.76 -3.14
CA ALA C 52 11.13 -5.94 -2.31
C ALA C 52 11.84 -4.61 -2.15
N LEU C 53 11.76 -3.78 -3.18
CA LEU C 53 12.42 -2.49 -3.16
C LEU C 53 11.69 -1.57 -2.20
N GLU C 54 10.37 -1.66 -2.18
CA GLU C 54 9.57 -0.83 -1.29
C GLU C 54 9.81 -1.22 0.17
N GLU C 55 9.86 -2.53 0.42
CA GLU C 55 10.08 -3.01 1.77
C GLU C 55 11.44 -2.62 2.33
N ALA C 56 12.49 -2.71 1.52
CA ALA C 56 13.82 -2.33 1.99
C ALA C 56 13.91 -0.80 2.22
N LEU C 57 13.31 -0.04 1.32
CA LEU C 57 13.33 1.42 1.46
C LEU C 57 12.57 1.86 2.71
N ARG C 58 11.43 1.24 2.98
CA ARG C 58 10.63 1.55 4.16
C ARG C 58 11.54 1.32 5.37
N GLU C 59 12.23 0.18 5.37
CA GLU C 59 13.13 -0.18 6.45
C GLU C 59 14.25 0.87 6.60
N ALA C 60 14.86 1.23 5.48
CA ALA C 60 15.95 2.21 5.49
C ALA C 60 15.49 3.54 6.04
N LEU C 61 14.25 3.92 5.73
CA LEU C 61 13.73 5.20 6.19
C LEU C 61 13.53 5.29 7.70
N LEU C 62 13.00 4.25 8.34
CA LEU C 62 12.81 4.36 9.77
C LEU C 62 14.14 4.38 10.52
N HIS C 63 15.16 3.78 9.92
CA HIS C 63 16.49 3.82 10.54
C HIS C 63 16.95 5.27 10.43
N LEU C 64 16.69 5.87 9.28
CA LEU C 64 17.04 7.27 9.04
C LEU C 64 16.33 8.17 10.05
N GLU C 65 15.05 7.89 10.29
CA GLU C 65 14.26 8.67 11.24
C GLU C 65 14.89 8.55 12.63
N GLU C 66 15.37 7.35 12.96
CA GLU C 66 16.02 7.08 14.23
C GLU C 66 17.30 7.90 14.29
N ARG C 67 18.07 7.89 13.21
CA ARG C 67 19.31 8.65 13.15
C ARG C 67 19.07 10.15 13.33
N ALA C 68 17.87 10.60 12.97
CA ALA C 68 17.51 12.02 13.09
C ALA C 68 17.09 12.35 14.51
N ALA C 69 16.59 11.37 15.23
CA ALA C 69 16.17 11.60 16.61
C ALA C 69 17.42 11.65 17.49
N GLN C 70 18.44 10.91 17.09
CA GLN C 70 19.71 10.84 17.81
C GLN C 70 20.47 12.15 17.72
N GLU C 71 20.42 12.80 16.56
CA GLU C 71 21.12 14.07 16.38
C GLU C 71 20.13 15.12 15.92
N PRO C 72 19.18 15.49 16.81
CA PRO C 72 18.12 16.48 16.59
C PRO C 72 18.61 17.82 16.05
N GLU C 73 19.79 18.23 16.48
CA GLU C 73 20.37 19.50 16.05
C GLU C 73 20.83 19.57 14.60
N GLU C 74 21.08 18.43 13.97
CA GLU C 74 21.55 18.43 12.59
C GLU C 74 20.39 18.42 11.58
N PRO C 75 20.14 19.56 10.92
CA PRO C 75 19.08 19.70 9.92
C PRO C 75 19.21 18.71 8.77
N TYR C 76 20.44 18.46 8.35
CA TYR C 76 20.72 17.53 7.25
C TYR C 76 19.86 16.27 7.31
N TRP C 77 19.86 15.62 8.47
CA TRP C 77 19.11 14.38 8.66
C TRP C 77 17.65 14.51 8.30
N ARG C 78 17.03 15.60 8.71
CA ARG C 78 15.63 15.82 8.42
C ARG C 78 15.41 16.24 6.98
N GLY C 79 16.41 16.92 6.40
CA GLY C 79 16.32 17.33 5.02
C GLY C 79 16.40 16.06 4.18
N LEU C 80 17.26 15.15 4.60
CA LEU C 80 17.45 13.86 3.93
C LEU C 80 16.18 13.01 4.05
N LEU C 81 15.61 12.98 5.25
CA LEU C 81 14.41 12.19 5.47
C LEU C 81 13.24 12.72 4.65
N LEU C 82 13.07 14.04 4.66
CA LEU C 82 11.98 14.65 3.92
C LEU C 82 12.08 14.27 2.45
N ALA C 83 13.29 14.30 1.91
CA ALA C 83 13.52 13.98 0.51
C ALA C 83 13.41 12.50 0.14
N VAL C 84 13.96 11.62 0.95
CA VAL C 84 13.87 10.21 0.59
C VAL C 84 12.41 9.76 0.67
N GLU C 85 11.67 10.28 1.62
CA GLU C 85 10.26 9.92 1.76
C GLU C 85 9.54 10.37 0.48
N ALA C 86 9.91 11.54 -0.04
CA ALA C 86 9.29 12.04 -1.28
C ALA C 86 9.62 11.08 -2.41
N GLU C 88 10.18 7.90 -1.97
CA GLU C 88 9.44 6.68 -1.69
C GLU C 88 8.06 6.87 -2.30
N GLY C 89 7.55 8.11 -2.22
CA GLY C 89 6.26 8.41 -2.80
C GLY C 89 6.29 8.18 -4.30
N ARG C 90 7.40 8.54 -4.94
CA ARG C 90 7.52 8.34 -6.39
C ARG C 90 7.63 6.85 -6.74
N LEU C 91 8.35 6.10 -5.93
CA LEU C 91 8.50 4.67 -6.15
C LEU C 91 7.13 4.01 -6.02
N LYS C 92 6.34 4.45 -5.05
CA LYS C 92 5.01 3.90 -4.87
C LYS C 92 4.16 4.16 -6.10
N ALA C 93 4.29 5.35 -6.68
CA ALA C 93 3.54 5.72 -7.88
C ALA C 93 3.98 4.84 -9.03
N LEU C 94 5.28 4.55 -9.07
CA LEU C 94 5.84 3.71 -10.13
C LEU C 94 5.20 2.31 -10.06
N ARG C 95 5.15 1.76 -8.86
CA ARG C 95 4.57 0.44 -8.66
C ARG C 95 3.08 0.42 -8.99
N ALA C 96 2.36 1.46 -8.57
CA ALA C 96 0.93 1.53 -8.85
C ALA C 96 0.73 1.49 -10.37
N GLU C 97 1.60 2.16 -11.09
CA GLU C 97 1.51 2.20 -12.56
C GLU C 97 1.72 0.80 -13.14
N ALA C 98 2.70 0.06 -12.60
CA ALA C 98 3.00 -1.29 -13.03
C ALA C 98 1.81 -2.20 -12.72
N GLU C 99 1.20 -1.98 -11.57
CA GLU C 99 0.03 -2.75 -11.12
C GLU C 99 -1.19 -2.55 -12.05
N ALA C 100 -1.40 -1.30 -12.46
CA ALA C 100 -2.51 -0.95 -13.36
C ALA C 100 -2.30 -1.64 -14.70
N LEU C 101 -1.09 -1.55 -15.23
CA LEU C 101 -0.75 -2.18 -16.50
C LEU C 101 -1.00 -3.69 -16.41
N TYR C 102 -0.53 -4.28 -15.32
CA TYR C 102 -0.71 -5.70 -15.05
C TYR C 102 -2.22 -6.03 -15.10
N GLN C 103 -3.04 -5.29 -14.38
CA GLN C 103 -4.48 -5.57 -14.39
C GLN C 103 -5.09 -5.40 -15.78
N ASP C 104 -4.75 -4.30 -16.45
CA ASP C 104 -5.30 -4.05 -17.78
C ASP C 104 -4.90 -5.07 -18.83
N LEU C 105 -3.72 -5.66 -18.68
CA LEU C 105 -3.30 -6.67 -19.64
C LEU C 105 -4.31 -7.81 -19.59
N ASP C 106 -4.70 -8.22 -18.39
CA ASP C 106 -5.66 -9.31 -18.24
C ASP C 106 -7.01 -8.90 -18.80
N ALA C 107 -7.41 -7.67 -18.49
CA ALA C 107 -8.68 -7.15 -18.98
C ALA C 107 -8.66 -7.15 -20.51
N LEU C 108 -7.55 -6.67 -21.09
CA LEU C 108 -7.43 -6.63 -22.55
C LEU C 108 -7.54 -8.03 -23.15
N HIS C 109 -7.08 -9.03 -22.40
CA HIS C 109 -7.13 -10.43 -22.84
C HIS C 109 -8.59 -10.82 -23.02
N GLY C 110 -9.41 -10.47 -22.04
CA GLY C 110 -10.82 -10.78 -22.12
C GLY C 110 -11.48 -10.10 -23.30
N ARG C 111 -11.33 -8.79 -23.41
CA ARG C 111 -11.95 -8.05 -24.51
C ARG C 111 -11.56 -8.62 -25.87
N LEU C 112 -10.33 -9.06 -25.99
CA LEU C 112 -9.84 -9.61 -27.24
C LEU C 112 -10.69 -10.79 -27.71
N HIS C 113 -10.87 -11.78 -26.85
CA HIS C 113 -11.64 -12.96 -27.20
C HIS C 113 -13.12 -12.64 -27.44
N ARG C 114 -13.62 -11.60 -26.76
CA ARG C 114 -15.00 -11.19 -26.88
C ARG C 114 -15.25 -10.49 -28.21
N LEU C 115 -14.31 -9.64 -28.61
CA LEU C 115 -14.43 -8.89 -29.86
C LEU C 115 -14.06 -9.69 -31.11
N PHE C 116 -13.15 -10.64 -30.97
CA PHE C 116 -12.75 -11.45 -32.11
C PHE C 116 -12.90 -12.93 -31.80
N PRO C 117 -14.14 -13.39 -31.63
CA PRO C 117 -14.42 -14.80 -31.33
C PRO C 117 -13.91 -15.74 -32.42
N ALA D 2 -12.38 6.58 -39.75
CA ALA D 2 -13.42 7.21 -38.88
C ALA D 2 -13.05 7.15 -37.40
N CYS D 3 -11.80 7.50 -37.07
CA CYS D 3 -11.34 7.46 -35.69
C CYS D 3 -11.55 8.79 -34.98
N HIS D 4 -12.80 9.22 -34.91
CA HIS D 4 -13.16 10.47 -34.27
C HIS D 4 -12.86 10.47 -32.77
N GLU D 5 -12.91 9.30 -32.14
CA GLU D 5 -12.64 9.20 -30.71
C GLU D 5 -11.22 9.64 -30.39
N LEU D 6 -10.26 9.16 -31.19
CA LEU D 6 -8.85 9.51 -30.98
C LEU D 6 -8.58 10.99 -31.25
N SER D 7 -9.14 11.51 -32.33
CA SER D 7 -8.93 12.92 -32.67
C SER D 7 -9.40 13.79 -31.53
N ALA D 8 -10.60 13.52 -31.03
CA ALA D 8 -11.17 14.29 -29.93
C ALA D 8 -10.29 14.24 -28.70
N LEU D 9 -9.87 13.03 -28.36
CA LEU D 9 -9.01 12.83 -27.20
C LEU D 9 -7.69 13.56 -27.43
N ARG D 10 -7.16 13.45 -28.65
CA ARG D 10 -5.89 14.12 -28.95
C ARG D 10 -6.01 15.64 -28.82
N ILE D 11 -7.19 16.15 -29.11
CA ILE D 11 -7.44 17.58 -29.01
C ILE D 11 -7.48 18.03 -27.55
N ALA D 12 -8.28 17.34 -26.75
CA ALA D 12 -8.41 17.67 -25.34
C ALA D 12 -7.06 17.62 -24.64
N ILE D 13 -6.25 16.62 -24.96
CA ILE D 13 -4.93 16.52 -24.34
C ILE D 13 -4.07 17.66 -24.86
N GLY D 14 -4.19 17.94 -26.15
CA GLY D 14 -3.42 19.03 -26.73
C GLY D 14 -3.63 20.34 -25.99
N GLU D 15 -4.88 20.60 -25.61
CA GLU D 15 -5.24 21.81 -24.89
C GLU D 15 -4.60 21.82 -23.51
N LEU D 16 -4.65 20.67 -22.83
CA LEU D 16 -4.06 20.55 -21.50
C LEU D 16 -2.55 20.81 -21.59
N LEU D 17 -1.97 20.56 -22.78
CA LEU D 17 -0.54 20.74 -23.01
C LEU D 17 -0.21 22.01 -23.77
N GLU D 18 -1.19 22.91 -23.92
CA GLU D 18 -1.01 24.18 -24.63
C GLU D 18 -0.36 24.02 -26.01
N LYS D 19 -0.88 23.10 -26.81
CA LYS D 19 -0.36 22.89 -28.15
C LYS D 19 -0.94 23.97 -29.07
N GLU D 20 -0.14 24.44 -30.02
CA GLU D 20 -0.62 25.47 -30.94
C GLU D 20 -1.74 24.88 -31.78
N ALA D 21 -2.72 25.71 -32.10
CA ALA D 21 -3.88 25.28 -32.89
C ALA D 21 -3.52 24.70 -34.26
N HIS D 22 -2.46 25.22 -34.88
CA HIS D 22 -2.05 24.72 -36.20
C HIS D 22 -1.63 23.27 -36.15
N ASP D 23 -1.26 22.79 -34.96
CA ASP D 23 -0.83 21.40 -34.79
C ASP D 23 -2.03 20.46 -34.74
N LEU D 24 -3.19 20.99 -34.35
CA LEU D 24 -4.39 20.19 -34.22
C LEU D 24 -5.37 20.37 -35.37
N LEU D 25 -4.98 21.12 -36.39
CA LEU D 25 -5.85 21.37 -37.53
C LEU D 25 -6.46 20.11 -38.15
N HIS D 26 -5.63 19.19 -38.59
CA HIS D 26 -6.14 17.97 -39.21
C HIS D 26 -7.20 17.25 -38.36
N GLU D 27 -6.99 17.17 -37.05
CA GLU D 27 -7.96 16.52 -36.17
C GLU D 27 -9.26 17.32 -36.02
N ARG D 28 -9.16 18.64 -36.03
CA ARG D 28 -10.36 19.46 -35.90
C ARG D 28 -11.17 19.34 -37.18
N GLU D 29 -10.46 19.17 -38.29
CA GLU D 29 -11.07 19.06 -39.62
C GLU D 29 -11.75 17.71 -39.85
N GLU D 30 -11.24 16.66 -39.23
CA GLU D 30 -11.84 15.35 -39.40
C GLU D 30 -12.95 15.12 -38.39
N LEU D 31 -13.02 16.01 -37.40
CA LEU D 31 -14.03 15.90 -36.36
C LEU D 31 -15.20 16.85 -36.66
N ALA D 32 -14.91 17.87 -37.47
CA ALA D 32 -15.90 18.89 -37.84
C ALA D 32 -17.28 18.39 -38.30
N PRO D 33 -17.32 17.49 -39.29
CA PRO D 33 -18.61 16.98 -39.79
C PRO D 33 -19.50 16.13 -38.86
N VAL D 34 -19.02 15.78 -37.67
CA VAL D 34 -19.83 14.98 -36.75
C VAL D 34 -20.15 15.64 -35.41
N LEU D 35 -19.41 16.68 -35.04
CA LEU D 35 -19.66 17.33 -33.76
C LEU D 35 -21.13 17.67 -33.53
N GLY D 36 -21.83 18.05 -34.60
CA GLY D 36 -23.23 18.37 -34.46
C GLY D 36 -24.08 17.19 -34.01
N GLN D 37 -23.82 16.03 -34.62
CA GLN D 37 -24.55 14.80 -34.31
C GLN D 37 -24.03 14.03 -33.11
N ARG D 38 -22.74 14.16 -32.81
CA ARG D 38 -22.13 13.43 -31.70
C ARG D 38 -21.78 14.32 -30.52
N PRO D 39 -22.78 14.70 -29.71
CA PRO D 39 -22.57 15.56 -28.55
C PRO D 39 -21.37 15.17 -27.68
N GLU D 40 -21.34 13.91 -27.24
CA GLU D 40 -20.25 13.46 -26.38
C GLU D 40 -18.87 13.75 -26.96
N LEU D 41 -18.71 13.56 -28.26
CA LEU D 41 -17.42 13.83 -28.90
C LEU D 41 -17.06 15.31 -28.73
N LYS D 42 -18.08 16.17 -28.74
CA LYS D 42 -17.85 17.59 -28.57
C LYS D 42 -17.40 17.78 -27.14
N ARG D 43 -18.05 17.07 -26.23
CA ARG D 43 -17.73 17.16 -24.81
C ARG D 43 -16.29 16.69 -24.57
N LEU D 44 -15.93 15.56 -25.20
CA LEU D 44 -14.59 15.01 -25.07
C LEU D 44 -13.55 16.03 -25.53
N ALA D 45 -13.64 16.45 -26.78
CA ALA D 45 -12.71 17.43 -27.34
C ALA D 45 -12.61 18.72 -26.52
N GLU D 46 -13.69 19.07 -25.82
CA GLU D 46 -13.70 20.31 -25.04
C GLU D 46 -13.47 20.12 -23.52
N ALA D 47 -13.42 18.89 -23.06
CA ALA D 47 -13.19 18.63 -21.64
C ALA D 47 -11.93 19.36 -21.18
N LYS D 48 -12.05 20.11 -20.07
CA LYS D 48 -10.92 20.85 -19.54
C LYS D 48 -10.32 20.26 -18.26
N THR D 49 -10.95 19.20 -17.74
CA THR D 49 -10.46 18.54 -16.53
C THR D 49 -10.33 17.05 -16.79
N LEU D 50 -9.60 16.35 -15.93
CA LEU D 50 -9.43 14.92 -16.13
C LEU D 50 -10.71 14.11 -15.94
N PRO D 51 -11.55 14.50 -14.97
CA PRO D 51 -12.80 13.75 -14.77
C PRO D 51 -13.75 13.90 -15.94
N ALA D 52 -13.86 15.11 -16.47
CA ALA D 52 -14.74 15.38 -17.61
C ALA D 52 -14.21 14.64 -18.83
N LEU D 53 -12.90 14.58 -18.94
CA LEU D 53 -12.28 13.88 -20.07
C LEU D 53 -12.65 12.39 -19.95
N GLU D 54 -12.56 11.84 -18.74
CA GLU D 54 -12.90 10.43 -18.55
C GLU D 54 -14.37 10.16 -18.83
N GLU D 55 -15.26 10.97 -18.25
CA GLU D 55 -16.67 10.78 -18.47
C GLU D 55 -17.06 10.86 -19.95
N ALA D 56 -16.52 11.84 -20.67
CA ALA D 56 -16.84 11.96 -22.08
C ALA D 56 -16.32 10.73 -22.83
N LEU D 57 -15.08 10.33 -22.56
CA LEU D 57 -14.52 9.18 -23.24
C LEU D 57 -15.34 7.92 -22.98
N ARG D 58 -15.78 7.74 -21.73
CA ARG D 58 -16.60 6.56 -21.39
C ARG D 58 -17.85 6.54 -22.25
N GLU D 59 -18.52 7.68 -22.31
CA GLU D 59 -19.73 7.85 -23.09
C GLU D 59 -19.46 7.56 -24.59
N ALA D 60 -18.31 7.97 -25.10
CA ALA D 60 -18.01 7.70 -26.50
C ALA D 60 -17.78 6.21 -26.72
N LEU D 61 -17.17 5.56 -25.74
CA LEU D 61 -16.92 4.13 -25.87
C LEU D 61 -18.22 3.33 -25.86
N LEU D 62 -19.22 3.81 -25.14
CA LEU D 62 -20.50 3.11 -25.09
C LEU D 62 -21.14 3.19 -26.47
N HIS D 63 -21.14 4.38 -27.05
CA HIS D 63 -21.71 4.61 -28.37
C HIS D 63 -20.96 3.75 -29.40
N LEU D 64 -19.64 3.76 -29.31
CA LEU D 64 -18.82 2.98 -30.24
C LEU D 64 -19.08 1.49 -30.10
N GLU D 65 -19.26 1.01 -28.88
CA GLU D 65 -19.52 -0.42 -28.70
C GLU D 65 -20.87 -0.80 -29.29
N GLU D 66 -21.84 0.10 -29.17
CA GLU D 66 -23.15 -0.18 -29.73
C GLU D 66 -23.03 -0.25 -31.26
N ARG D 67 -22.20 0.60 -31.86
CA ARG D 67 -22.02 0.59 -33.30
C ARG D 67 -21.39 -0.72 -33.74
N ALA D 68 -20.36 -1.14 -33.01
CA ALA D 68 -19.69 -2.37 -33.32
C ALA D 68 -20.67 -3.54 -33.19
N ALA D 69 -21.58 -3.45 -32.22
CA ALA D 69 -22.56 -4.52 -32.02
C ALA D 69 -23.54 -4.58 -33.19
N GLN D 70 -23.94 -3.40 -33.67
CA GLN D 70 -24.88 -3.29 -34.77
C GLN D 70 -24.29 -3.76 -36.10
N GLU D 71 -22.98 -3.67 -36.22
CA GLU D 71 -22.31 -4.08 -37.45
C GLU D 71 -21.14 -5.04 -37.21
N PRO D 72 -21.45 -6.29 -36.85
CA PRO D 72 -20.43 -7.31 -36.60
C PRO D 72 -19.50 -7.53 -37.79
N GLU D 73 -20.07 -7.47 -39.00
CA GLU D 73 -19.33 -7.68 -40.24
C GLU D 73 -18.19 -6.70 -40.52
N GLU D 74 -18.06 -5.67 -39.69
CA GLU D 74 -17.01 -4.68 -39.90
C GLU D 74 -15.93 -4.74 -38.82
N PRO D 75 -14.79 -5.37 -39.13
CA PRO D 75 -13.71 -5.46 -38.13
C PRO D 75 -13.18 -4.12 -37.64
N TYR D 76 -13.27 -3.10 -38.49
CA TYR D 76 -12.80 -1.77 -38.16
C TYR D 76 -13.34 -1.22 -36.84
N TRP D 77 -14.63 -1.46 -36.57
CA TRP D 77 -15.24 -0.96 -35.33
C TRP D 77 -14.65 -1.64 -34.10
N ARG D 78 -14.36 -2.94 -34.22
CA ARG D 78 -13.80 -3.68 -33.09
C ARG D 78 -12.31 -3.34 -32.95
N GLY D 79 -11.67 -3.00 -34.07
CA GLY D 79 -10.28 -2.64 -34.00
C GLY D 79 -10.17 -1.28 -33.35
N LEU D 80 -11.15 -0.42 -33.65
CA LEU D 80 -11.19 0.93 -33.10
C LEU D 80 -11.61 0.89 -31.63
N LEU D 81 -12.38 -0.13 -31.28
CA LEU D 81 -12.85 -0.29 -29.91
C LEU D 81 -11.64 -0.63 -29.03
N LEU D 82 -10.82 -1.59 -29.47
CA LEU D 82 -9.63 -1.97 -28.72
C LEU D 82 -8.69 -0.78 -28.52
N ALA D 83 -8.42 -0.04 -29.60
CA ALA D 83 -7.52 1.11 -29.52
C ALA D 83 -7.99 2.16 -28.50
N VAL D 84 -9.23 2.61 -28.64
CA VAL D 84 -9.75 3.62 -27.74
C VAL D 84 -9.79 3.12 -26.29
N GLU D 85 -10.21 1.87 -26.08
CA GLU D 85 -10.26 1.33 -24.72
C GLU D 85 -8.85 1.27 -24.14
N ALA D 86 -7.87 0.99 -24.99
CA ALA D 86 -6.49 0.94 -24.51
C ALA D 86 -6.09 2.35 -24.08
N GLU D 88 -8.08 4.53 -22.98
CA GLU D 88 -8.85 4.86 -21.81
C GLU D 88 -8.09 4.36 -20.59
N GLY D 89 -7.32 3.29 -20.79
CA GLY D 89 -6.53 2.75 -19.71
C GLY D 89 -5.40 3.71 -19.37
N ARG D 90 -4.82 4.31 -20.40
CA ARG D 90 -3.74 5.25 -20.18
C ARG D 90 -4.25 6.53 -19.55
N LEU D 91 -5.48 6.91 -19.88
CA LEU D 91 -6.05 8.13 -19.31
C LEU D 91 -6.28 7.94 -17.82
N LYS D 92 -6.86 6.80 -17.45
CA LYS D 92 -7.14 6.49 -16.05
C LYS D 92 -5.85 6.48 -15.23
N ALA D 93 -4.81 5.87 -15.79
CA ALA D 93 -3.51 5.82 -15.14
C ALA D 93 -2.93 7.23 -15.01
N LEU D 94 -3.24 8.10 -15.97
CA LEU D 94 -2.73 9.45 -15.89
C LEU D 94 -3.45 10.17 -14.75
N ARG D 95 -4.77 10.02 -14.71
CA ARG D 95 -5.60 10.63 -13.64
C ARG D 95 -5.20 10.03 -12.27
N ALA D 96 -4.92 8.73 -12.22
CA ALA D 96 -4.51 8.11 -10.95
C ALA D 96 -3.17 8.69 -10.49
N GLU D 97 -2.38 9.11 -11.48
CA GLU D 97 -1.07 9.72 -11.23
C GLU D 97 -1.30 11.08 -10.56
N ALA D 98 -2.23 11.84 -11.13
CA ALA D 98 -2.59 13.14 -10.61
C ALA D 98 -3.15 13.00 -9.19
N GLU D 99 -4.09 12.08 -9.00
CA GLU D 99 -4.70 11.85 -7.68
C GLU D 99 -3.63 11.60 -6.60
N ALA D 100 -2.67 10.73 -6.90
CA ALA D 100 -1.62 10.40 -5.95
C ALA D 100 -0.74 11.62 -5.66
N LEU D 101 -0.33 12.34 -6.71
CA LEU D 101 0.49 13.53 -6.49
C LEU D 101 -0.35 14.46 -5.60
N TYR D 102 -1.64 14.57 -5.90
CA TYR D 102 -2.55 15.40 -5.12
C TYR D 102 -2.57 15.01 -3.65
N GLN D 103 -2.55 13.71 -3.38
CA GLN D 103 -2.58 13.24 -2.00
C GLN D 103 -1.26 13.42 -1.28
N ASP D 104 -0.16 13.11 -1.96
CA ASP D 104 1.15 13.22 -1.34
C ASP D 104 1.55 14.66 -1.03
N LEU D 105 0.92 15.62 -1.70
CA LEU D 105 1.22 17.03 -1.46
C LEU D 105 0.75 17.40 -0.06
N ASP D 106 -0.41 16.86 0.32
CA ASP D 106 -0.96 17.12 1.64
C ASP D 106 -0.12 16.37 2.67
N ALA D 107 0.26 15.14 2.35
CA ALA D 107 1.07 14.34 3.26
C ALA D 107 2.45 15.01 3.45
N LEU D 108 3.02 15.52 2.36
CA LEU D 108 4.31 16.21 2.44
C LEU D 108 4.17 17.44 3.33
N HIS D 109 2.98 18.05 3.30
CA HIS D 109 2.71 19.21 4.13
C HIS D 109 2.88 18.84 5.61
N GLY D 110 2.28 17.72 6.00
CA GLY D 110 2.40 17.27 7.37
C GLY D 110 3.83 16.97 7.76
N ARG D 111 4.56 16.27 6.90
CA ARG D 111 5.96 15.92 7.18
C ARG D 111 6.86 17.14 7.35
N LEU D 112 6.66 18.13 6.49
CA LEU D 112 7.46 19.34 6.55
C LEU D 112 7.29 20.04 7.90
N HIS D 113 6.03 20.19 8.30
CA HIS D 113 5.70 20.84 9.57
C HIS D 113 6.23 20.07 10.78
N ARG D 114 6.22 18.74 10.67
CA ARG D 114 6.69 17.89 11.75
C ARG D 114 8.22 17.77 11.81
N LEU D 115 8.89 17.94 10.68
CA LEU D 115 10.35 17.83 10.61
C LEU D 115 11.04 19.20 10.76
N PHE D 116 10.35 20.25 10.34
CA PHE D 116 10.88 21.61 10.43
C PHE D 116 9.81 22.48 11.08
N PRO D 117 9.57 22.29 12.39
CA PRO D 117 8.59 23.04 13.15
C PRO D 117 8.52 24.51 12.77
#